data_8C6Q
#
_entry.id   8C6Q
#
_cell.length_a   45.400
_cell.length_b   73.330
_cell.length_c   52.990
_cell.angle_alpha   90.000
_cell.angle_beta   109.940
_cell.angle_gamma   90.000
#
_symmetry.space_group_name_H-M   'P 1 21 1'
#
loop_
_entity.id
_entity.type
_entity.pdbx_description
1 polymer Endothiapepsin
2 non-polymer GLYCEROL
3 non-polymer 3-(4-methylimidazol-1-yl)-5-(trifluoromethyl)aniline
4 water water
#
_entity_poly.entity_id   1
_entity_poly.type   'polypeptide(L)'
_entity_poly.pdbx_seq_one_letter_code
;MSSPLKNALVTAMLAGGALSSPTKQHVGIPVNASPEVGPGKYSFKQVRNPNYKFNGPLSVKKTYLKYGVPIPAWLEDAVQ
NSTSGLAERSTGSATTTPIDSLDDAYITPVQIGTPAQTLNLDFDTGSSDLWVFSSETTASEVDGQTIYTPSKSTTAKLLS
GATWSISYGDGSSSSGDVYTDTVSVGGLTVTGQAVESAKKVSSSFTEDSTIDGLLGLAFSTLNTVSPTQQKTFFDNAKAS
LDSPVFTADLGYHAPGTYNFGFIDTTAYTGSITYTAVSTKQGFWEWTSTGYAVGSGTFKSTSIDGIADTGTTLLYLPATV
VSAYWAQVSGAKSSSSVGGYVFPCSATLPSFTFGVGSARIVIPGDYIDFGPISTGSSSCFGGIQSSAGIGINIFGDVALK
AAFVVFNGATTPTLGFASK
;
_entity_poly.pdbx_strand_id   A
#
loop_
_chem_comp.id
_chem_comp.type
_chem_comp.name
_chem_comp.formula
GOL non-polymer GLYCEROL 'C3 H8 O3'
TU5 non-polymer 3-(4-methylimidazol-1-yl)-5-(trifluoromethyl)aniline 'C11 H10 F3 N3'
#
# COMPACT_ATOMS: atom_id res chain seq x y z
N SER A 90 -9.45 -15.01 16.64
CA SER A 90 -9.96 -13.64 16.54
C SER A 90 -9.91 -13.14 15.11
N THR A 91 -10.60 -12.03 14.86
CA THR A 91 -10.59 -11.34 13.58
C THR A 91 -10.67 -9.84 13.82
N GLY A 92 -10.34 -9.08 12.78
CA GLY A 92 -10.62 -7.65 12.78
C GLY A 92 -11.05 -7.21 11.39
N SER A 93 -11.77 -6.09 11.33
CA SER A 93 -12.24 -5.57 10.05
C SER A 93 -12.30 -4.06 10.17
N ALA A 94 -11.64 -3.34 9.26
CA ALA A 94 -11.63 -1.88 9.35
C ALA A 94 -11.82 -1.31 7.95
N THR A 95 -12.55 -0.20 7.88
CA THR A 95 -12.73 0.48 6.61
C THR A 95 -11.50 1.32 6.30
N THR A 96 -11.10 1.30 5.02
CA THR A 96 -9.99 2.11 4.54
C THR A 96 -10.56 3.12 3.53
N THR A 97 -10.09 4.36 3.59
CA THR A 97 -10.74 5.48 2.87
C THR A 97 -9.69 6.24 2.06
N PRO A 98 -9.96 6.56 0.79
CA PRO A 98 -8.98 7.38 0.03
C PRO A 98 -8.77 8.72 0.71
N ILE A 99 -7.53 9.22 0.67
CA ILE A 99 -7.25 10.50 1.33
C ILE A 99 -7.72 11.68 0.50
N ASP A 100 -7.99 11.48 -0.79
CA ASP A 100 -8.34 12.58 -1.68
C ASP A 100 -9.12 12.00 -2.87
N SER A 101 -9.51 12.88 -3.79
CA SER A 101 -10.37 12.49 -4.91
C SER A 101 -9.65 11.66 -5.96
N LEU A 102 -8.33 11.50 -5.85
CA LEU A 102 -7.55 10.75 -6.82
C LEU A 102 -7.11 9.41 -6.26
N ASP A 103 -7.50 9.05 -5.03
CA ASP A 103 -7.02 7.81 -4.41
C ASP A 103 -5.50 7.83 -4.31
N ASP A 104 -4.92 8.97 -3.93
CA ASP A 104 -3.46 9.03 -3.84
C ASP A 104 -2.90 8.13 -2.75
N ALA A 105 -3.70 7.79 -1.74
CA ALA A 105 -3.33 6.87 -0.67
C ALA A 105 -4.64 6.57 0.05
N TYR A 106 -4.58 5.63 0.98
CA TYR A 106 -5.72 5.18 1.77
C TYR A 106 -5.35 5.23 3.24
N ILE A 107 -6.28 5.67 4.08
CA ILE A 107 -6.09 5.72 5.53
C ILE A 107 -7.11 4.83 6.23
N THR A 108 -6.66 4.21 7.32
CA THR A 108 -7.45 3.27 8.10
C THR A 108 -7.31 3.68 9.56
N PRO A 109 -8.41 3.80 10.30
CA PRO A 109 -8.28 4.21 11.71
C PRO A 109 -7.70 3.08 12.56
N VAL A 110 -6.81 3.47 13.46
CA VAL A 110 -6.09 2.55 14.35
C VAL A 110 -6.15 3.11 15.76
N GLN A 111 -6.51 2.28 16.72
CA GLN A 111 -6.56 2.69 18.13
C GLN A 111 -5.23 2.34 18.80
N ILE A 112 -4.59 3.33 19.43
CA ILE A 112 -3.30 3.12 20.07
C ILE A 112 -3.40 3.59 21.52
N GLY A 113 -2.98 2.73 22.45
CA GLY A 113 -2.88 3.14 23.84
C GLY A 113 -4.17 3.04 24.65
N THR A 114 -4.05 3.48 25.91
CA THR A 114 -5.16 3.40 26.88
C THR A 114 -5.22 4.70 27.65
N PRO A 115 -6.33 5.45 27.60
CA PRO A 115 -7.48 5.26 26.69
C PRO A 115 -7.00 5.36 25.24
N ALA A 116 -7.80 4.85 24.33
CA ALA A 116 -7.42 4.80 22.93
C ALA A 116 -7.16 6.21 22.39
N GLN A 117 -6.12 6.31 21.57
CA GLN A 117 -5.83 7.47 20.73
C GLN A 117 -5.97 6.95 19.30
N THR A 118 -6.97 7.45 18.57
CA THR A 118 -7.21 6.95 17.22
C THR A 118 -6.44 7.81 16.22
N LEU A 119 -5.59 7.16 15.44
CA LEU A 119 -4.82 7.79 14.38
C LEU A 119 -5.20 7.12 13.07
N ASN A 120 -5.12 7.88 11.97
CA ASN A 120 -5.44 7.36 10.65
C ASN A 120 -4.13 7.00 9.94
N LEU A 121 -3.89 5.70 9.78
CA LEU A 121 -2.60 5.21 9.31
C LEU A 121 -2.71 4.69 7.87
N ASP A 122 -1.61 4.80 7.16
CA ASP A 122 -1.48 4.27 5.81
C ASP A 122 -0.97 2.83 5.91
N PHE A 123 -1.87 1.87 5.68
CA PHE A 123 -1.50 0.44 5.73
C PHE A 123 -0.66 0.11 4.52
N ASP A 124 0.56 -0.38 4.76
CA ASP A 124 1.60 -0.42 3.73
C ASP A 124 2.20 -1.83 3.64
N THR A 125 1.74 -2.64 2.67
CA THR A 125 2.29 -3.99 2.51
C THR A 125 3.70 -3.99 1.91
N GLY A 126 4.27 -2.81 1.62
CA GLY A 126 5.64 -2.70 1.18
C GLY A 126 6.64 -2.29 2.22
N SER A 127 6.25 -2.15 3.48
CA SER A 127 7.19 -1.83 4.54
C SER A 127 6.74 -2.46 5.83
N SER A 128 7.58 -2.37 6.88
CA SER A 128 7.39 -3.21 8.06
C SER A 128 7.51 -2.47 9.37
N ASP A 129 7.31 -1.15 9.37
CA ASP A 129 7.34 -0.33 10.57
C ASP A 129 5.95 0.26 10.79
N LEU A 130 5.52 0.27 12.03
CA LEU A 130 4.32 0.99 12.46
C LEU A 130 4.85 2.24 13.13
N TRP A 131 4.77 3.37 12.43
CA TRP A 131 5.28 4.62 12.97
C TRP A 131 4.20 5.68 12.91
N VAL A 132 4.28 6.64 13.85
CA VAL A 132 3.24 7.65 14.03
C VAL A 132 3.82 9.03 14.29
N PHE A 133 3.13 10.03 13.77
CA PHE A 133 3.30 11.40 14.29
C PHE A 133 3.02 11.38 15.79
N SER A 134 3.75 12.19 16.56
CA SER A 134 3.67 12.04 18.00
C SER A 134 3.91 13.39 18.68
N SER A 135 3.70 13.39 20.00
CA SER A 135 4.06 14.54 20.83
C SER A 135 5.55 14.85 20.80
N GLU A 136 6.37 13.90 20.34
CA GLU A 136 7.82 14.04 20.16
C GLU A 136 8.24 14.58 18.80
N THR A 137 7.34 14.68 17.84
CA THR A 137 7.73 15.13 16.51
C THR A 137 8.04 16.61 16.56
N THR A 138 9.18 16.99 15.98
CA THR A 138 9.55 18.40 15.86
C THR A 138 8.33 19.22 15.46
N ALA A 139 8.03 20.28 16.24
CA ALA A 139 6.74 20.95 16.10
C ALA A 139 6.54 21.51 14.69
N SER A 140 7.60 22.07 14.09
CA SER A 140 7.44 22.66 12.76
C SER A 140 7.21 21.63 11.68
N GLU A 141 7.37 20.35 11.99
CA GLU A 141 7.14 19.26 11.04
C GLU A 141 5.77 18.63 11.18
N VAL A 142 4.93 19.16 12.08
CA VAL A 142 3.55 18.70 12.27
C VAL A 142 2.67 19.80 11.72
N ASP A 143 1.78 19.45 10.78
CA ASP A 143 0.87 20.41 10.15
C ASP A 143 -0.49 19.73 9.94
N GLY A 144 -1.23 19.54 11.00
CA GLY A 144 -2.60 19.08 10.92
C GLY A 144 -2.78 17.62 11.27
N GLN A 145 -1.71 16.84 11.37
CA GLN A 145 -1.84 15.42 11.70
C GLN A 145 -2.33 15.25 13.13
N THR A 146 -3.00 14.14 13.38
CA THR A 146 -3.27 13.72 14.75
C THR A 146 -2.05 13.02 15.30
N ILE A 147 -1.68 13.37 16.54
CA ILE A 147 -0.48 12.83 17.16
C ILE A 147 -0.80 11.81 18.24
N TYR A 148 0.10 10.85 18.39
CA TYR A 148 0.13 9.95 19.54
C TYR A 148 0.94 10.59 20.64
N THR A 149 0.38 10.62 21.86
CA THR A 149 1.07 11.15 23.04
C THR A 149 1.28 9.99 24.00
N PRO A 150 2.46 9.36 24.00
CA PRO A 150 2.63 8.17 24.85
C PRO A 150 2.46 8.47 26.33
N SER A 151 2.80 9.68 26.79
CA SER A 151 2.70 9.98 28.22
C SER A 151 1.25 9.94 28.72
N LYS A 152 0.27 10.03 27.81
CA LYS A 152 -1.15 9.95 28.16
C LYS A 152 -1.71 8.55 28.04
N SER A 153 -0.90 7.58 27.63
CA SER A 153 -1.32 6.18 27.54
C SER A 153 -0.76 5.42 28.73
N THR A 154 -1.66 4.84 29.54
CA THR A 154 -1.21 4.13 30.74
C THR A 154 -0.58 2.79 30.41
N THR A 155 -0.71 2.32 29.17
CA THR A 155 -0.11 1.07 28.75
C THR A 155 1.17 1.28 27.94
N ALA A 156 1.54 2.52 27.66
CA ALA A 156 2.76 2.77 26.88
C ALA A 156 4.00 2.52 27.74
N LYS A 157 5.01 1.91 27.14
CA LYS A 157 6.31 1.74 27.79
C LYS A 157 7.41 2.06 26.80
N LEU A 158 8.31 2.95 27.19
CA LEU A 158 9.45 3.26 26.32
C LEU A 158 10.27 1.99 26.14
N LEU A 159 10.63 1.68 24.90
CA LEU A 159 11.50 0.54 24.63
C LEU A 159 12.94 1.05 24.72
N SER A 160 13.61 0.69 25.80
CA SER A 160 14.88 1.30 26.16
C SER A 160 15.94 1.15 25.09
N GLY A 161 16.49 2.28 24.65
CA GLY A 161 17.58 2.27 23.70
C GLY A 161 17.19 2.07 22.26
N ALA A 162 15.91 1.89 21.97
CA ALA A 162 15.50 1.52 20.62
C ALA A 162 15.25 2.78 19.79
N THR A 163 15.74 2.77 18.56
CA THR A 163 15.48 3.85 17.63
C THR A 163 15.11 3.23 16.29
N TRP A 164 14.62 4.06 15.41
CA TRP A 164 14.23 3.61 14.07
C TRP A 164 14.46 4.75 13.10
N SER A 165 14.62 4.38 11.82
CA SER A 165 14.85 5.36 10.77
C SER A 165 14.55 4.70 9.44
N ILE A 166 13.68 5.32 8.65
CA ILE A 166 13.25 4.65 7.42
C ILE A 166 13.24 5.66 6.30
N SER A 167 13.44 5.16 5.08
CA SER A 167 13.34 5.94 3.86
CA SER A 167 13.32 5.95 3.86
C SER A 167 12.52 5.15 2.85
N TYR A 168 11.61 5.81 2.17
CA TYR A 168 10.75 5.14 1.21
C TYR A 168 11.18 5.49 -0.20
N GLY A 169 10.68 4.71 -1.16
CA GLY A 169 11.12 4.83 -2.54
C GLY A 169 10.75 6.14 -3.21
N ASP A 170 9.83 6.90 -2.63
CA ASP A 170 9.47 8.20 -3.16
C ASP A 170 10.36 9.32 -2.61
N GLY A 171 11.41 8.97 -1.86
CA GLY A 171 12.31 9.96 -1.32
C GLY A 171 11.97 10.41 0.08
N SER A 172 10.84 9.97 0.64
CA SER A 172 10.41 10.43 1.94
C SER A 172 11.09 9.62 3.04
N SER A 173 11.01 10.12 4.29
CA SER A 173 11.75 9.53 5.40
C SER A 173 11.22 10.03 6.74
N SER A 174 11.57 9.29 7.79
CA SER A 174 11.17 9.61 9.15
C SER A 174 12.03 8.79 10.10
N SER A 175 12.07 9.21 11.36
CA SER A 175 12.89 8.52 12.37
C SER A 175 12.46 8.93 13.77
N GLY A 176 12.86 8.13 14.76
CA GLY A 176 12.52 8.47 16.12
C GLY A 176 12.85 7.36 17.11
N ASP A 177 12.07 7.31 18.18
CA ASP A 177 12.20 6.33 19.26
C ASP A 177 11.01 5.39 19.26
N VAL A 178 10.93 4.51 20.24
CA VAL A 178 9.99 3.38 20.17
C VAL A 178 9.34 3.17 21.52
N TYR A 179 8.02 2.96 21.50
CA TYR A 179 7.24 2.53 22.64
C TYR A 179 6.66 1.18 22.32
N THR A 180 6.34 0.41 23.35
CA THR A 180 5.37 -0.64 23.17
C THR A 180 4.04 -0.17 23.74
N ASP A 181 2.93 -0.58 23.09
CA ASP A 181 1.61 -0.18 23.56
C ASP A 181 0.59 -1.13 22.95
N THR A 182 -0.66 -0.98 23.39
CA THR A 182 -1.76 -1.76 22.83
CA THR A 182 -1.76 -1.74 22.83
C THR A 182 -2.26 -1.08 21.56
N VAL A 183 -2.43 -1.88 20.51
CA VAL A 183 -2.86 -1.39 19.21
C VAL A 183 -4.01 -2.25 18.75
N SER A 184 -5.12 -1.59 18.33
CA SER A 184 -6.27 -2.33 17.83
C SER A 184 -6.64 -1.82 16.45
N VAL A 185 -7.02 -2.76 15.58
CA VAL A 185 -7.46 -2.44 14.23
C VAL A 185 -8.79 -3.16 14.04
N GLY A 186 -9.86 -2.39 13.91
CA GLY A 186 -11.11 -3.01 13.52
C GLY A 186 -11.56 -4.07 14.49
N GLY A 187 -11.29 -3.89 15.80
CA GLY A 187 -11.67 -4.89 16.77
C GLY A 187 -10.61 -5.93 17.14
N LEU A 188 -9.51 -6.00 16.41
CA LEU A 188 -8.43 -6.96 16.67
C LEU A 188 -7.36 -6.25 17.47
N THR A 189 -7.02 -6.78 18.65
CA THR A 189 -6.11 -6.12 19.58
C THR A 189 -4.81 -6.88 19.74
N VAL A 190 -3.69 -6.15 19.65
CA VAL A 190 -2.35 -6.66 19.95
C VAL A 190 -1.82 -5.88 21.15
N THR A 191 -1.40 -6.58 22.19
CA THR A 191 -0.69 -5.92 23.27
C THR A 191 0.81 -5.96 23.00
N GLY A 192 1.53 -4.97 23.51
CA GLY A 192 2.98 -4.99 23.35
C GLY A 192 3.46 -4.74 21.93
N GLN A 193 2.65 -4.11 21.09
CA GLN A 193 3.07 -3.76 19.73
C GLN A 193 4.10 -2.63 19.78
N ALA A 194 5.16 -2.75 18.98
CA ALA A 194 6.10 -1.65 18.83
C ALA A 194 5.45 -0.51 18.04
N VAL A 195 5.33 0.65 18.68
CA VAL A 195 4.79 1.86 18.09
C VAL A 195 5.97 2.82 17.98
N GLU A 196 6.37 3.12 16.76
CA GLU A 196 7.58 3.88 16.51
C GLU A 196 7.18 5.35 16.44
N SER A 197 7.62 6.12 17.41
CA SER A 197 7.20 7.51 17.57
C SER A 197 8.17 8.41 16.80
N ALA A 198 7.64 9.22 15.88
CA ALA A 198 8.53 10.05 15.07
C ALA A 198 9.04 11.24 15.85
N LYS A 199 10.36 11.42 15.84
CA LYS A 199 10.97 12.67 16.25
C LYS A 199 11.17 13.61 15.07
N LYS A 200 11.37 13.05 13.86
CA LYS A 200 11.62 13.81 12.65
C LYS A 200 10.81 13.15 11.53
N VAL A 201 10.21 13.96 10.65
CA VAL A 201 9.62 13.46 9.41
C VAL A 201 10.03 14.40 8.28
N SER A 202 10.07 13.87 7.06
CA SER A 202 10.44 14.68 5.91
C SER A 202 9.24 15.52 5.44
N SER A 203 9.53 16.47 4.54
CA SER A 203 8.52 17.49 4.19
C SER A 203 7.29 16.85 3.58
N SER A 204 7.44 15.77 2.80
CA SER A 204 6.24 15.23 2.17
C SER A 204 5.27 14.66 3.19
N PHE A 205 5.78 14.12 4.30
CA PHE A 205 4.87 13.69 5.36
C PHE A 205 4.20 14.89 6.03
N THR A 206 4.98 15.91 6.37
CA THR A 206 4.40 17.11 6.97
C THR A 206 3.29 17.68 6.11
N GLU A 207 3.50 17.69 4.80
CA GLU A 207 2.60 18.36 3.89
C GLU A 207 1.33 17.56 3.67
N ASP A 208 1.28 16.31 4.11
CA ASP A 208 0.07 15.53 3.99
CA ASP A 208 0.07 15.48 3.98
C ASP A 208 -0.63 15.44 5.34
N SER A 209 -1.61 16.32 5.54
CA SER A 209 -2.26 16.39 6.84
CA SER A 209 -2.26 16.40 6.83
C SER A 209 -3.15 15.20 7.12
N THR A 210 -3.45 14.37 6.10
CA THR A 210 -4.41 13.30 6.24
CA THR A 210 -4.41 13.30 6.28
C THR A 210 -3.80 11.98 6.74
N ILE A 211 -2.48 11.85 6.74
CA ILE A 211 -1.82 10.59 7.09
C ILE A 211 -1.06 10.80 8.38
N ASP A 212 -1.50 10.10 9.44
CA ASP A 212 -0.93 10.23 10.79
C ASP A 212 0.26 9.29 11.02
N GLY A 213 0.59 8.45 10.04
CA GLY A 213 1.66 7.50 10.16
C GLY A 213 1.38 6.32 9.26
N LEU A 214 2.23 5.30 9.38
CA LEU A 214 2.19 4.11 8.55
C LEU A 214 2.02 2.88 9.42
N LEU A 215 1.33 1.88 8.89
CA LEU A 215 1.26 0.56 9.54
C LEU A 215 1.80 -0.46 8.54
N GLY A 216 3.04 -0.92 8.76
CA GLY A 216 3.67 -1.82 7.81
C GLY A 216 3.12 -3.23 7.89
N LEU A 217 2.97 -3.84 6.74
CA LEU A 217 2.40 -5.18 6.58
C LEU A 217 3.27 -6.07 5.68
N ALA A 218 4.50 -5.64 5.36
CA ALA A 218 5.50 -6.53 4.75
C ALA A 218 6.09 -7.44 5.83
N PHE A 219 7.16 -8.15 5.51
CA PHE A 219 7.72 -9.14 6.44
C PHE A 219 8.60 -8.46 7.47
N SER A 220 8.57 -8.99 8.70
CA SER A 220 9.25 -8.33 9.81
C SER A 220 10.75 -8.20 9.60
N THR A 221 11.34 -9.00 8.71
CA THR A 221 12.77 -8.85 8.39
C THR A 221 13.12 -7.45 7.90
N LEU A 222 12.16 -6.67 7.38
CA LEU A 222 12.44 -5.30 6.95
C LEU A 222 12.27 -4.27 8.07
N ASN A 223 11.84 -4.65 9.27
CA ASN A 223 11.60 -3.64 10.29
C ASN A 223 12.91 -2.94 10.66
N THR A 224 12.86 -1.64 10.82
CA THR A 224 14.08 -0.85 11.00
C THR A 224 14.50 -0.64 12.44
N VAL A 225 13.75 -1.10 13.43
CA VAL A 225 14.13 -0.79 14.82
C VAL A 225 15.48 -1.39 15.15
N SER A 226 16.32 -0.58 15.77
CA SER A 226 17.66 -0.96 16.19
C SER A 226 17.81 -0.66 17.68
N PRO A 227 18.54 -1.48 18.44
CA PRO A 227 19.32 -2.65 18.02
C PRO A 227 18.54 -3.95 18.02
N THR A 228 17.25 -3.93 18.37
CA THR A 228 16.42 -5.14 18.43
C THR A 228 15.25 -4.95 17.48
N GLN A 229 15.30 -5.64 16.35
CA GLN A 229 14.22 -5.54 15.38
CA GLN A 229 14.22 -5.54 15.37
C GLN A 229 12.89 -5.94 15.98
N GLN A 230 11.83 -5.28 15.55
CA GLN A 230 10.48 -5.50 16.09
C GLN A 230 9.56 -6.13 15.05
N LYS A 231 8.47 -6.73 15.54
CA LYS A 231 7.52 -7.43 14.69
C LYS A 231 6.41 -6.49 14.21
N THR A 232 5.89 -6.77 13.02
CA THR A 232 4.72 -6.06 12.53
C THR A 232 3.48 -6.42 13.33
N PHE A 233 2.46 -5.57 13.16
CA PHE A 233 1.15 -5.82 13.76
C PHE A 233 0.61 -7.18 13.35
N PHE A 234 0.71 -7.50 12.06
CA PHE A 234 0.20 -8.79 11.59
C PHE A 234 0.99 -9.95 12.19
N ASP A 235 2.32 -9.85 12.23
CA ASP A 235 3.10 -10.92 12.83
CA ASP A 235 3.14 -10.89 12.85
C ASP A 235 2.73 -11.13 14.30
N ASN A 236 2.52 -10.05 15.04
CA ASN A 236 2.12 -10.20 16.43
C ASN A 236 0.72 -10.79 16.57
N ALA A 237 -0.20 -10.46 15.65
CA ALA A 237 -1.57 -10.95 15.77
C ALA A 237 -1.74 -12.36 15.24
N LYS A 238 -0.83 -12.82 14.39
CA LYS A 238 -1.09 -13.97 13.51
C LYS A 238 -1.56 -15.21 14.28
N ALA A 239 -0.87 -15.56 15.37
CA ALA A 239 -1.17 -16.81 16.05
C ALA A 239 -2.56 -16.79 16.65
N SER A 240 -3.10 -15.59 16.95
CA SER A 240 -4.42 -15.47 17.53
CA SER A 240 -4.43 -15.48 17.53
C SER A 240 -5.53 -15.46 16.50
N LEU A 241 -5.21 -15.17 15.24
CA LEU A 241 -6.22 -15.03 14.22
C LEU A 241 -6.88 -16.39 13.90
N ASP A 242 -8.14 -16.33 13.48
CA ASP A 242 -8.81 -17.57 13.06
C ASP A 242 -8.04 -18.26 11.94
N SER A 243 -7.51 -17.48 10.99
CA SER A 243 -6.66 -17.96 9.91
CA SER A 243 -6.65 -17.96 9.92
C SER A 243 -5.56 -16.92 9.75
N PRO A 244 -4.32 -17.34 9.44
CA PRO A 244 -3.18 -16.40 9.43
C PRO A 244 -3.09 -15.59 8.14
N VAL A 245 -4.10 -14.74 7.92
CA VAL A 245 -4.33 -14.04 6.66
CA VAL A 245 -4.27 -14.01 6.67
C VAL A 245 -4.78 -12.61 6.97
N PHE A 246 -4.53 -11.72 6.02
CA PHE A 246 -5.26 -10.46 5.96
C PHE A 246 -5.61 -10.20 4.51
N THR A 247 -6.66 -9.39 4.28
CA THR A 247 -7.09 -9.11 2.94
C THR A 247 -7.20 -7.61 2.73
N ALA A 248 -6.89 -7.19 1.50
CA ALA A 248 -6.99 -5.80 1.08
C ALA A 248 -8.05 -5.71 0.00
N ASP A 249 -9.02 -4.84 0.23
CA ASP A 249 -10.12 -4.60 -0.72
C ASP A 249 -10.25 -3.10 -0.87
N LEU A 250 -9.33 -2.53 -1.66
CA LEU A 250 -9.29 -1.08 -1.82
C LEU A 250 -10.36 -0.64 -2.82
N GLY A 251 -11.02 0.49 -2.53
CA GLY A 251 -12.05 1.04 -3.39
C GLY A 251 -11.48 1.97 -4.45
N TYR A 252 -12.19 2.09 -5.57
CA TYR A 252 -11.92 3.13 -6.56
C TYR A 252 -12.81 4.32 -6.24
N HIS A 253 -12.20 5.43 -5.82
CA HIS A 253 -12.95 6.64 -5.48
C HIS A 253 -14.03 6.33 -4.44
N ALA A 254 -13.73 5.43 -3.51
CA ALA A 254 -14.74 4.96 -2.56
C ALA A 254 -14.03 4.23 -1.44
N PRO A 255 -14.67 4.08 -0.27
CA PRO A 255 -14.04 3.30 0.81
C PRO A 255 -13.96 1.81 0.46
N GLY A 256 -13.12 1.13 1.21
CA GLY A 256 -12.87 -0.30 1.07
C GLY A 256 -12.61 -0.88 2.44
N THR A 257 -11.97 -2.05 2.48
CA THR A 257 -11.85 -2.77 3.73
C THR A 257 -10.52 -3.52 3.83
N TYR A 258 -9.93 -3.50 5.03
CA TYR A 258 -8.87 -4.42 5.43
C TYR A 258 -9.48 -5.37 6.44
N ASN A 259 -9.39 -6.68 6.17
CA ASN A 259 -9.82 -7.69 7.13
C ASN A 259 -8.61 -8.50 7.60
N PHE A 260 -8.65 -8.92 8.86
CA PHE A 260 -7.61 -9.73 9.45
C PHE A 260 -8.24 -11.01 9.97
N GLY A 261 -7.69 -12.15 9.54
CA GLY A 261 -8.04 -13.43 10.13
C GLY A 261 -9.15 -14.19 9.45
N PHE A 262 -9.73 -13.64 8.38
CA PHE A 262 -10.80 -14.33 7.67
C PHE A 262 -10.90 -13.79 6.26
N ILE A 263 -11.49 -14.61 5.39
CA ILE A 263 -11.79 -14.26 4.01
C ILE A 263 -13.29 -14.05 3.88
N ASP A 264 -13.69 -12.84 3.53
CA ASP A 264 -15.09 -12.52 3.33
C ASP A 264 -15.49 -12.99 1.94
N THR A 265 -16.17 -14.13 1.86
CA THR A 265 -16.50 -14.72 0.58
C THR A 265 -17.58 -13.95 -0.16
N THR A 266 -18.19 -12.94 0.45
CA THR A 266 -19.13 -12.08 -0.26
C THR A 266 -18.46 -10.89 -0.92
N ALA A 267 -17.16 -10.72 -0.73
CA ALA A 267 -16.47 -9.49 -1.16
C ALA A 267 -15.83 -9.61 -2.55
N TYR A 268 -15.96 -10.75 -3.23
CA TYR A 268 -15.34 -10.91 -4.54
C TYR A 268 -16.26 -11.79 -5.38
N THR A 269 -15.99 -11.80 -6.68
CA THR A 269 -16.69 -12.67 -7.62
C THR A 269 -15.76 -13.80 -8.04
N GLY A 270 -16.34 -14.88 -8.55
CA GLY A 270 -15.51 -15.97 -9.03
C GLY A 270 -14.70 -16.59 -7.91
N SER A 271 -13.52 -17.09 -8.27
CA SER A 271 -12.61 -17.73 -7.33
CA SER A 271 -12.63 -17.72 -7.31
C SER A 271 -11.38 -16.87 -7.07
N ILE A 272 -10.72 -17.16 -5.96
CA ILE A 272 -9.43 -16.55 -5.63
C ILE A 272 -8.35 -17.44 -6.22
N THR A 273 -7.49 -16.86 -7.05
CA THR A 273 -6.35 -17.60 -7.60
C THR A 273 -5.12 -17.27 -6.76
N TYR A 274 -4.51 -18.31 -6.19
CA TYR A 274 -3.32 -18.15 -5.37
C TYR A 274 -2.07 -18.32 -6.20
N THR A 275 -1.02 -17.62 -5.81
CA THR A 275 0.24 -17.62 -6.54
C THR A 275 1.40 -17.55 -5.54
N ALA A 276 2.53 -18.12 -5.94
CA ALA A 276 3.66 -18.24 -5.01
C ALA A 276 4.26 -16.86 -4.66
N VAL A 277 4.80 -16.77 -3.44
CA VAL A 277 5.47 -15.58 -2.94
C VAL A 277 6.90 -15.90 -2.59
N SER A 278 7.83 -14.99 -2.93
CA SER A 278 9.19 -15.05 -2.42
C SER A 278 9.31 -13.98 -1.34
N THR A 279 9.78 -14.37 -0.15
CA THR A 279 10.01 -13.43 0.92
C THR A 279 11.48 -12.99 1.01
N LYS A 280 12.29 -13.35 0.00
CA LYS A 280 13.73 -13.16 0.10
C LYS A 280 14.12 -11.69 0.22
N GLN A 281 13.32 -10.77 -0.31
CA GLN A 281 13.58 -9.34 -0.15
C GLN A 281 12.69 -8.71 0.90
N GLY A 282 11.92 -9.51 1.66
CA GLY A 282 11.05 -9.00 2.69
C GLY A 282 9.69 -8.52 2.22
N PHE A 283 9.39 -8.63 0.93
CA PHE A 283 8.17 -8.11 0.34
C PHE A 283 7.23 -9.27 0.01
N TRP A 284 5.97 -8.92 -0.30
CA TRP A 284 5.02 -9.85 -0.90
C TRP A 284 5.32 -9.87 -2.39
N GLU A 285 6.38 -10.60 -2.73
CA GLU A 285 6.90 -10.61 -4.09
C GLU A 285 6.39 -11.85 -4.83
N TRP A 286 5.91 -11.64 -6.06
CA TRP A 286 5.25 -12.70 -6.82
C TRP A 286 5.52 -12.45 -8.30
N THR A 287 5.06 -13.37 -9.14
CA THR A 287 5.34 -13.28 -10.58
C THR A 287 4.02 -13.32 -11.35
N SER A 288 3.67 -12.20 -11.97
CA SER A 288 2.51 -12.16 -12.83
C SER A 288 2.81 -12.91 -14.12
N THR A 289 1.78 -13.50 -14.72
CA THR A 289 1.95 -14.30 -15.93
C THR A 289 1.82 -13.50 -17.20
N GLY A 290 1.49 -12.21 -17.15
CA GLY A 290 1.53 -11.40 -18.36
C GLY A 290 0.51 -10.28 -18.30
N TYR A 291 0.21 -9.72 -19.47
CA TYR A 291 -0.65 -8.54 -19.49
C TYR A 291 -1.37 -8.41 -20.82
N ALA A 292 -2.42 -7.59 -20.83
CA ALA A 292 -3.04 -7.14 -22.08
C ALA A 292 -3.37 -5.67 -21.95
N VAL A 293 -3.41 -4.97 -23.09
CA VAL A 293 -3.82 -3.57 -23.11
C VAL A 293 -5.17 -3.50 -23.79
N GLY A 294 -6.16 -2.93 -23.09
CA GLY A 294 -7.50 -2.83 -23.66
C GLY A 294 -7.98 -4.20 -24.09
N SER A 295 -8.57 -4.25 -25.29
CA SER A 295 -9.09 -5.49 -25.82
CA SER A 295 -9.09 -5.49 -25.82
C SER A 295 -8.05 -6.28 -26.60
N GLY A 296 -6.78 -5.91 -26.49
CA GLY A 296 -5.72 -6.57 -27.21
C GLY A 296 -5.39 -7.96 -26.70
N THR A 297 -4.55 -8.64 -27.47
CA THR A 297 -4.11 -10.01 -27.16
CA THR A 297 -4.14 -10.00 -27.14
C THR A 297 -3.33 -10.03 -25.85
N PHE A 298 -3.55 -11.07 -25.06
CA PHE A 298 -2.77 -11.26 -23.84
C PHE A 298 -1.36 -11.71 -24.18
N LYS A 299 -0.36 -11.02 -23.63
CA LYS A 299 1.05 -11.37 -23.81
C LYS A 299 1.48 -12.17 -22.58
N SER A 300 1.83 -13.44 -22.80
CA SER A 300 2.36 -14.29 -21.73
C SER A 300 3.82 -13.98 -21.50
N THR A 301 4.14 -13.48 -20.32
CA THR A 301 5.50 -13.10 -19.98
C THR A 301 5.57 -12.94 -18.46
N SER A 302 6.65 -13.42 -17.87
CA SER A 302 6.77 -13.36 -16.41
C SER A 302 7.15 -11.95 -15.96
N ILE A 303 6.39 -11.41 -15.03
CA ILE A 303 6.66 -10.07 -14.48
C ILE A 303 6.75 -10.20 -12.97
N ASP A 304 7.99 -10.19 -12.46
CA ASP A 304 8.21 -10.29 -11.02
CA ASP A 304 8.23 -10.28 -11.02
C ASP A 304 7.97 -8.92 -10.41
N GLY A 305 7.21 -8.88 -9.32
CA GLY A 305 6.96 -7.59 -8.70
C GLY A 305 6.40 -7.78 -7.32
N ILE A 306 6.06 -6.66 -6.67
CA ILE A 306 5.59 -6.73 -5.29
C ILE A 306 4.16 -6.20 -5.18
N ALA A 307 3.37 -6.82 -4.31
CA ALA A 307 2.03 -6.30 -3.99
C ALA A 307 2.21 -5.28 -2.89
N ASP A 308 2.01 -3.99 -3.21
CA ASP A 308 2.41 -2.89 -2.32
C ASP A 308 1.26 -1.89 -2.17
N THR A 309 0.48 -2.04 -1.09
CA THR A 309 -0.62 -1.11 -0.88
C THR A 309 -0.15 0.30 -0.55
N GLY A 310 1.11 0.46 -0.17
CA GLY A 310 1.64 1.78 0.12
C GLY A 310 2.18 2.53 -1.06
N THR A 311 2.16 1.96 -2.25
CA THR A 311 2.53 2.67 -3.47
C THR A 311 1.26 2.96 -4.26
N THR A 312 1.11 4.20 -4.73
CA THR A 312 -0.13 4.60 -5.39
C THR A 312 -0.29 3.96 -6.76
N LEU A 313 0.78 3.96 -7.54
CA LEU A 313 0.72 3.65 -8.96
C LEU A 313 1.16 2.22 -9.27
N LEU A 314 1.01 1.86 -10.55
CA LEU A 314 1.43 0.58 -11.07
C LEU A 314 2.74 0.81 -11.84
N TYR A 315 3.86 0.24 -11.36
CA TYR A 315 5.18 0.42 -11.97
C TYR A 315 5.57 -0.89 -12.63
N LEU A 316 5.76 -0.86 -13.96
CA LEU A 316 6.03 -2.07 -14.73
C LEU A 316 7.20 -1.83 -15.68
N PRO A 317 7.72 -2.88 -16.31
CA PRO A 317 8.86 -2.70 -17.23
C PRO A 317 8.55 -1.73 -18.35
N ALA A 318 9.58 -1.01 -18.78
CA ALA A 318 9.42 0.01 -19.80
C ALA A 318 8.75 -0.50 -21.07
N THR A 319 9.01 -1.76 -21.47
CA THR A 319 8.39 -2.27 -22.67
C THR A 319 6.87 -2.36 -22.50
N VAL A 320 6.42 -2.81 -21.32
CA VAL A 320 5.00 -2.98 -21.05
C VAL A 320 4.31 -1.62 -21.01
N VAL A 321 4.93 -0.67 -20.32
CA VAL A 321 4.36 0.65 -20.16
C VAL A 321 4.29 1.37 -21.49
N SER A 322 5.31 1.23 -22.33
CA SER A 322 5.26 1.83 -23.65
C SER A 322 4.11 1.24 -24.48
N ALA A 323 3.91 -0.07 -24.38
CA ALA A 323 2.81 -0.69 -25.11
C ALA A 323 1.46 -0.15 -24.63
N TYR A 324 1.32 0.10 -23.33
CA TYR A 324 0.07 0.67 -22.83
C TYR A 324 -0.16 2.06 -23.40
N TRP A 325 0.79 2.98 -23.19
CA TRP A 325 0.56 4.37 -23.54
C TRP A 325 0.52 4.61 -25.05
N ALA A 326 1.05 3.68 -25.84
CA ALA A 326 0.95 3.79 -27.28
C ALA A 326 -0.50 3.74 -27.73
N GLN A 327 -1.39 3.19 -26.90
CA GLN A 327 -2.81 3.11 -27.23
C GLN A 327 -3.60 4.35 -26.83
N VAL A 328 -2.92 5.40 -26.35
CA VAL A 328 -3.57 6.61 -25.90
C VAL A 328 -3.04 7.74 -26.77
N SER A 329 -3.89 8.28 -27.65
CA SER A 329 -3.44 9.30 -28.58
CA SER A 329 -3.42 9.29 -28.58
C SER A 329 -2.93 10.52 -27.83
N GLY A 330 -1.71 10.94 -28.14
CA GLY A 330 -1.13 12.11 -27.52
C GLY A 330 -0.39 11.84 -26.23
N ALA A 331 -0.41 10.61 -25.71
CA ALA A 331 0.35 10.34 -24.50
C ALA A 331 1.83 10.32 -24.80
N LYS A 332 2.64 10.72 -23.82
CA LYS A 332 4.09 10.74 -24.00
CA LYS A 332 4.08 10.72 -24.00
C LYS A 332 4.74 10.69 -22.64
N SER A 333 5.99 10.23 -22.64
CA SER A 333 6.78 10.29 -21.42
C SER A 333 7.43 11.66 -21.34
N SER A 334 7.18 12.36 -20.26
CA SER A 334 7.66 13.71 -20.04
C SER A 334 8.78 13.65 -19.02
N SER A 335 9.99 14.00 -19.47
CA SER A 335 11.11 14.04 -18.53
CA SER A 335 11.12 14.04 -18.54
C SER A 335 10.92 15.13 -17.49
N SER A 336 10.29 16.24 -17.86
CA SER A 336 10.08 17.33 -16.90
C SER A 336 9.07 16.94 -15.84
N VAL A 337 8.01 16.23 -16.23
CA VAL A 337 7.00 15.85 -15.25
C VAL A 337 7.46 14.63 -14.45
N GLY A 338 8.24 13.73 -15.06
CA GLY A 338 8.72 12.52 -14.40
C GLY A 338 7.96 11.27 -14.73
N GLY A 339 7.23 11.24 -15.84
CA GLY A 339 6.61 10.01 -16.28
C GLY A 339 5.69 10.28 -17.44
N TYR A 340 4.88 9.27 -17.73
CA TYR A 340 3.90 9.39 -18.80
C TYR A 340 2.75 10.30 -18.39
N VAL A 341 2.39 11.19 -19.32
CA VAL A 341 1.26 12.08 -19.18
C VAL A 341 0.42 11.90 -20.45
N PHE A 342 -0.84 12.33 -20.38
CA PHE A 342 -1.74 12.11 -21.50
C PHE A 342 -2.79 13.22 -21.52
N PRO A 343 -3.39 13.48 -22.67
CA PRO A 343 -4.43 14.53 -22.72
C PRO A 343 -5.59 14.19 -21.81
N CYS A 344 -6.03 15.15 -20.99
CA CYS A 344 -7.07 14.83 -20.05
C CYS A 344 -8.39 14.49 -20.75
N SER A 345 -8.54 14.87 -22.02
CA SER A 345 -9.72 14.54 -22.81
C SER A 345 -9.74 13.09 -23.27
N ALA A 346 -8.66 12.33 -23.09
CA ALA A 346 -8.62 10.96 -23.56
C ALA A 346 -9.51 10.03 -22.72
N THR A 347 -10.03 8.98 -23.36
CA THR A 347 -10.61 7.86 -22.63
CA THR A 347 -10.63 7.84 -22.66
C THR A 347 -9.58 6.73 -22.61
N LEU A 348 -9.17 6.34 -21.44
CA LEU A 348 -8.06 5.40 -21.31
C LEU A 348 -8.52 3.96 -21.51
N PRO A 349 -7.69 3.13 -22.14
CA PRO A 349 -7.98 1.69 -22.22
C PRO A 349 -7.72 1.00 -20.88
N SER A 350 -8.39 -0.13 -20.68
CA SER A 350 -8.09 -0.96 -19.52
C SER A 350 -6.70 -1.58 -19.64
N PHE A 351 -6.25 -2.13 -18.51
CA PHE A 351 -5.00 -2.89 -18.45
C PHE A 351 -5.26 -4.17 -17.68
N THR A 352 -4.94 -5.31 -18.26
CA THR A 352 -5.15 -6.60 -17.60
C THR A 352 -3.82 -7.19 -17.19
N PHE A 353 -3.74 -7.74 -15.97
CA PHE A 353 -2.56 -8.50 -15.59
C PHE A 353 -2.94 -9.92 -15.21
N GLY A 354 -2.00 -10.85 -15.43
CA GLY A 354 -2.25 -12.27 -15.16
C GLY A 354 -1.85 -12.67 -13.76
N VAL A 355 -2.65 -13.56 -13.18
CA VAL A 355 -2.34 -14.22 -11.91
C VAL A 355 -2.57 -15.68 -12.23
N GLY A 356 -1.49 -16.43 -12.44
CA GLY A 356 -1.69 -17.77 -12.98
C GLY A 356 -2.52 -17.68 -14.27
N SER A 357 -3.51 -18.56 -14.41
CA SER A 357 -4.39 -18.51 -15.57
CA SER A 357 -4.38 -18.50 -15.58
C SER A 357 -5.49 -17.45 -15.43
N ALA A 358 -5.60 -16.81 -14.29
CA ALA A 358 -6.66 -15.83 -14.06
C ALA A 358 -6.21 -14.46 -14.57
N ARG A 359 -7.17 -13.56 -14.66
CA ARG A 359 -6.92 -12.24 -15.25
C ARG A 359 -7.62 -11.19 -14.40
N ILE A 360 -6.89 -10.14 -14.02
CA ILE A 360 -7.46 -9.02 -13.29
C ILE A 360 -7.47 -7.83 -14.24
N VAL A 361 -8.66 -7.24 -14.43
CA VAL A 361 -8.82 -6.11 -15.37
C VAL A 361 -8.89 -4.81 -14.60
N ILE A 362 -7.92 -3.92 -14.85
CA ILE A 362 -7.92 -2.57 -14.28
C ILE A 362 -8.66 -1.65 -15.27
N PRO A 363 -9.85 -1.13 -14.92
CA PRO A 363 -10.53 -0.23 -15.86
C PRO A 363 -9.69 1.00 -16.17
N GLY A 364 -9.84 1.51 -17.41
CA GLY A 364 -9.08 2.67 -17.83
C GLY A 364 -9.18 3.84 -16.87
N ASP A 365 -10.36 4.10 -16.29
CA ASP A 365 -10.42 5.29 -15.47
CA ASP A 365 -10.51 5.25 -15.42
C ASP A 365 -9.60 5.16 -14.20
N TYR A 366 -9.22 3.93 -13.77
CA TYR A 366 -8.35 3.79 -12.61
C TYR A 366 -6.96 4.32 -12.88
N ILE A 367 -6.62 4.53 -14.15
CA ILE A 367 -5.30 4.91 -14.58
C ILE A 367 -5.17 6.42 -14.75
N ASP A 368 -6.24 7.18 -14.51
CA ASP A 368 -6.22 8.63 -14.66
C ASP A 368 -5.93 9.25 -13.29
N PHE A 369 -4.81 9.98 -13.19
CA PHE A 369 -4.44 10.66 -11.94
C PHE A 369 -4.57 12.17 -12.05
N GLY A 370 -5.33 12.64 -13.04
CA GLY A 370 -5.76 14.03 -13.06
C GLY A 370 -4.70 15.00 -13.55
N PRO A 371 -5.06 16.28 -13.60
CA PRO A 371 -4.16 17.30 -14.18
C PRO A 371 -2.81 17.32 -13.47
N ILE A 372 -1.74 17.55 -14.25
CA ILE A 372 -0.40 17.55 -13.68
C ILE A 372 -0.21 18.72 -12.74
N SER A 373 -0.97 19.79 -12.94
CA SER A 373 -1.03 20.97 -12.08
C SER A 373 -2.42 21.54 -12.24
N THR A 374 -2.87 22.32 -11.27
CA THR A 374 -4.24 22.81 -11.34
C THR A 374 -4.51 23.57 -12.64
N GLY A 375 -5.61 23.20 -13.32
CA GLY A 375 -6.01 23.84 -14.54
C GLY A 375 -5.35 23.31 -15.80
N SER A 376 -4.36 22.42 -15.67
CA SER A 376 -3.73 21.88 -16.87
C SER A 376 -4.64 20.88 -17.57
N SER A 377 -4.51 20.80 -18.90
CA SER A 377 -5.18 19.76 -19.66
C SER A 377 -4.28 18.57 -19.94
N SER A 378 -3.11 18.49 -19.31
CA SER A 378 -2.27 17.31 -19.35
CA SER A 378 -2.27 17.30 -19.34
C SER A 378 -2.47 16.57 -18.04
N CYS A 379 -2.70 15.25 -18.13
CA CYS A 379 -3.04 14.45 -16.96
C CYS A 379 -1.93 13.45 -16.67
N PHE A 380 -1.78 13.08 -15.39
CA PHE A 380 -0.72 12.15 -15.02
C PHE A 380 -1.22 10.71 -15.15
N GLY A 381 -0.38 9.83 -15.72
CA GLY A 381 -0.77 8.45 -15.89
C GLY A 381 -0.55 7.61 -14.63
N GLY A 382 -1.39 6.60 -14.49
CA GLY A 382 -1.32 5.71 -13.34
C GLY A 382 -0.51 4.44 -13.55
N ILE A 383 0.01 4.25 -14.77
CA ILE A 383 0.94 3.17 -15.10
C ILE A 383 2.23 3.86 -15.52
N GLN A 384 3.34 3.51 -14.85
CA GLN A 384 4.61 4.18 -15.06
C GLN A 384 5.73 3.15 -15.13
N SER A 385 6.84 3.53 -15.76
CA SER A 385 7.97 2.63 -15.87
C SER A 385 8.63 2.40 -14.52
N SER A 386 9.02 1.15 -14.27
CA SER A 386 9.79 0.79 -13.09
C SER A 386 11.29 0.91 -13.33
N ALA A 387 11.71 1.33 -14.54
CA ALA A 387 13.14 1.31 -14.87
C ALA A 387 13.99 2.04 -13.84
N GLY A 388 13.56 3.19 -13.36
CA GLY A 388 14.44 3.80 -12.35
C GLY A 388 14.43 3.14 -10.96
N ILE A 389 13.52 2.20 -10.71
CA ILE A 389 13.21 1.71 -9.35
C ILE A 389 13.97 0.44 -9.01
N GLY A 390 14.15 -0.45 -9.97
CA GLY A 390 14.80 -1.71 -9.69
C GLY A 390 13.88 -2.84 -9.29
N ILE A 391 12.57 -2.58 -9.20
CA ILE A 391 11.58 -3.61 -8.94
C ILE A 391 10.27 -3.14 -9.55
N ASN A 392 9.46 -4.10 -10.03
CA ASN A 392 8.11 -3.80 -10.44
C ASN A 392 7.19 -3.75 -9.25
N ILE A 393 6.22 -2.83 -9.27
CA ILE A 393 5.38 -2.60 -8.11
C ILE A 393 3.91 -2.62 -8.52
N PHE A 394 3.18 -3.62 -8.02
CA PHE A 394 1.73 -3.66 -8.16
C PHE A 394 1.16 -2.86 -7.02
N GLY A 395 1.09 -1.53 -7.22
CA GLY A 395 0.57 -0.62 -6.23
C GLY A 395 -0.94 -0.50 -6.32
N ASP A 396 -1.48 0.55 -5.70
CA ASP A 396 -2.93 0.65 -5.53
C ASP A 396 -3.70 0.58 -6.85
N VAL A 397 -3.17 1.18 -7.92
CA VAL A 397 -3.85 1.13 -9.22
C VAL A 397 -4.20 -0.31 -9.59
N ALA A 398 -3.28 -1.24 -9.38
CA ALA A 398 -3.55 -2.65 -9.67
C ALA A 398 -4.37 -3.29 -8.55
N LEU A 399 -3.94 -3.10 -7.29
CA LEU A 399 -4.60 -3.86 -6.22
C LEU A 399 -6.07 -3.47 -6.04
N LYS A 400 -6.43 -2.20 -6.29
CA LYS A 400 -7.82 -1.81 -6.09
CA LYS A 400 -7.83 -1.79 -6.10
C LYS A 400 -8.77 -2.44 -7.11
N ALA A 401 -8.24 -3.04 -8.19
CA ALA A 401 -9.07 -3.79 -9.12
C ALA A 401 -9.34 -5.20 -8.65
N ALA A 402 -8.83 -5.59 -7.49
CA ALA A 402 -8.94 -6.98 -7.03
C ALA A 402 -9.26 -7.06 -5.54
N PHE A 403 -9.71 -8.23 -5.13
CA PHE A 403 -9.75 -8.60 -3.72
C PHE A 403 -8.46 -9.41 -3.51
N VAL A 404 -7.62 -8.97 -2.58
CA VAL A 404 -6.25 -9.48 -2.47
C VAL A 404 -6.07 -10.13 -1.12
N VAL A 405 -5.66 -11.40 -1.14
CA VAL A 405 -5.37 -12.16 0.07
C VAL A 405 -3.87 -12.22 0.30
N PHE A 406 -3.45 -11.75 1.48
CA PHE A 406 -2.07 -11.84 1.93
C PHE A 406 -2.05 -13.01 2.91
N ASN A 407 -1.68 -14.19 2.41
CA ASN A 407 -1.73 -15.42 3.19
C ASN A 407 -0.39 -15.61 3.91
N GLY A 408 -0.40 -15.45 5.23
CA GLY A 408 0.80 -15.55 6.04
C GLY A 408 0.98 -16.89 6.71
N ALA A 409 0.50 -17.95 6.07
CA ALA A 409 0.83 -19.31 6.46
C ALA A 409 2.35 -19.53 6.43
N THR A 410 2.75 -20.71 6.89
CA THR A 410 4.17 -21.03 7.04
C THR A 410 4.92 -20.78 5.73
N THR A 411 4.32 -21.15 4.61
CA THR A 411 4.80 -20.72 3.30
C THR A 411 3.80 -19.68 2.78
N PRO A 412 4.14 -18.39 2.81
CA PRO A 412 3.16 -17.37 2.39
C PRO A 412 2.80 -17.49 0.92
N THR A 413 1.57 -17.08 0.60
CA THR A 413 1.12 -16.98 -0.79
C THR A 413 0.27 -15.73 -0.91
N LEU A 414 -0.04 -15.35 -2.15
CA LEU A 414 -0.93 -14.23 -2.43
CA LEU A 414 -0.89 -14.23 -2.47
C LEU A 414 -2.08 -14.76 -3.25
N GLY A 415 -3.28 -14.27 -2.94
CA GLY A 415 -4.48 -14.59 -3.70
C GLY A 415 -5.08 -13.35 -4.34
N PHE A 416 -5.58 -13.51 -5.56
CA PHE A 416 -6.28 -12.41 -6.25
C PHE A 416 -7.60 -12.92 -6.78
N ALA A 417 -8.66 -12.14 -6.55
CA ALA A 417 -9.97 -12.37 -7.16
C ALA A 417 -10.45 -11.07 -7.79
N SER A 418 -11.26 -11.21 -8.85
CA SER A 418 -12.01 -10.07 -9.35
C SER A 418 -13.11 -9.71 -8.35
N LYS A 419 -13.69 -8.52 -8.49
CA LYS A 419 -14.72 -8.10 -7.55
C LYS A 419 -15.71 -7.14 -8.17
C1 GOL B . -13.07 -5.78 -10.78
O1 GOL B . -12.19 -6.90 -10.61
C2 GOL B . -12.35 -4.80 -11.75
O2 GOL B . -12.20 -5.39 -13.02
C3 GOL B . -13.22 -3.52 -11.75
O3 GOL B . -14.47 -3.82 -12.35
C10 TU5 C . 9.33 1.43 -3.79
C13 TU5 C . 7.87 4.25 -5.46
C17 TU5 C . 8.41 0.82 -2.94
C02 TU5 C . 8.81 -0.33 -2.25
C03 TU5 C . 10.09 -0.85 -2.38
C04 TU5 C . 10.99 -0.24 -3.22
C05 TU5 C . 12.41 -0.81 -3.40
C09 TU5 C . 10.61 0.90 -3.92
C12 TU5 C . 7.76 3.16 -4.64
C14 TU5 C . 6.76 5.21 -5.87
C16 TU5 C . 9.82 3.36 -5.28
F06 TU5 C . 13.02 -0.27 -4.48
F07 TU5 C . 13.15 -0.52 -2.28
F08 TU5 C . 12.36 -2.17 -3.54
N01 TU5 C . 7.89 -0.98 -1.34
N11 TU5 C . 8.97 2.63 -4.55
N15 TU5 C . 9.13 4.37 -5.83
#